data_7P22
#
_entry.id   7P22
#
_cell.length_a   80.341
_cell.length_b   80.341
_cell.length_c   169.889
_cell.angle_alpha   90.000
_cell.angle_beta   90.000
_cell.angle_gamma   90.000
#
_symmetry.space_group_name_H-M   'P 41 21 2'
#
loop_
_entity.id
_entity.type
_entity.pdbx_description
1 polymer 'Thaumatin pathogenesis-like protein'
2 water water
#
_entity_poly.entity_id   1
_entity_poly.type   'polypeptide(L)'
_entity_poly.pdbx_seq_one_letter_code
;MGHHHHHHHHHHSSGHIEGRHMAGNHTVTFVNHTGQTIWLGSTVNADGSVNFASLPTLADGQSATVTIPETSAPGHWRGK
FFARQGCTGTSGRDFHCLVGDCGVYADHCATGEQPASLAEFNFDTADGLAPWYDVSYVNAFSVPITIEPVNAAVPPGSAS
CGTAGCPENLLPYCPAANRQYSPSGTLINCVNPNRDAPTSYSDAIKSHCPKAYAWSKQDTEPGNQTMYQCASCTGFTITF
HRAS
;
_entity_poly.pdbx_strand_id   A,B
#
# COMPACT_ATOMS: atom_id res chain seq x y z
N GLY A 24 17.22 -6.07 -9.31
CA GLY A 24 15.77 -6.08 -9.40
C GLY A 24 15.15 -4.69 -9.34
N ASN A 25 13.82 -4.64 -9.37
CA ASN A 25 13.11 -3.37 -9.33
C ASN A 25 12.79 -2.99 -7.89
N HIS A 26 13.20 -1.78 -7.49
CA HIS A 26 12.90 -1.30 -6.15
C HIS A 26 11.43 -0.91 -6.04
N THR A 27 10.88 -1.08 -4.84
CA THR A 27 9.53 -0.63 -4.51
C THR A 27 9.60 0.70 -3.77
N VAL A 28 8.53 1.48 -3.88
CA VAL A 28 8.39 2.71 -3.12
C VAL A 28 7.02 2.69 -2.46
N THR A 29 7.00 2.68 -1.13
CA THR A 29 5.77 2.69 -0.35
C THR A 29 5.50 4.11 0.15
N PHE A 30 4.29 4.60 -0.10
CA PHE A 30 3.85 5.91 0.40
C PHE A 30 2.94 5.69 1.60
N VAL A 31 3.23 6.38 2.70
CA VAL A 31 2.43 6.26 3.93
C VAL A 31 1.91 7.64 4.29
N ASN A 32 0.59 7.80 4.31
CA ASN A 32 -0.04 9.09 4.62
C ASN A 32 -0.33 9.15 6.11
N HIS A 33 0.52 9.86 6.86
CA HIS A 33 0.25 10.15 8.27
C HIS A 33 0.03 11.64 8.50
N THR A 34 -0.38 12.38 7.46
CA THR A 34 -0.45 13.83 7.55
C THR A 34 -1.63 14.31 8.38
N GLY A 35 -2.68 13.50 8.50
CA GLY A 35 -3.91 13.93 9.10
C GLY A 35 -5.00 14.30 8.11
N GLN A 36 -4.68 14.37 6.82
CA GLN A 36 -5.65 14.65 5.78
C GLN A 36 -5.30 13.87 4.52
N THR A 37 -6.22 13.90 3.57
CA THR A 37 -6.04 13.17 2.31
C THR A 37 -4.91 13.80 1.50
N ILE A 38 -4.12 12.97 0.84
CA ILE A 38 -3.11 13.47 -0.08
C ILE A 38 -3.33 12.83 -1.44
N TRP A 39 -2.99 13.59 -2.48
CA TRP A 39 -3.04 13.15 -3.86
C TRP A 39 -1.59 13.10 -4.34
N LEU A 40 -1.05 11.90 -4.51
CA LEU A 40 0.37 11.78 -4.83
C LEU A 40 0.65 12.33 -6.23
N GLY A 41 1.79 13.01 -6.36
CA GLY A 41 2.24 13.48 -7.64
C GLY A 41 3.69 13.08 -7.84
N SER A 42 4.12 13.14 -9.11
CA SER A 42 5.50 12.85 -9.40
C SER A 42 5.93 13.67 -10.60
N THR A 43 7.21 14.06 -10.60
CA THR A 43 7.85 14.67 -11.75
C THR A 43 9.15 13.93 -12.00
N VAL A 44 9.46 13.67 -13.26
CA VAL A 44 10.64 12.89 -13.61
C VAL A 44 11.56 13.75 -14.44
N ASN A 45 12.86 13.49 -14.31
CA ASN A 45 13.87 14.18 -15.10
C ASN A 45 13.67 13.88 -16.58
N ALA A 46 14.16 14.80 -17.43
CA ALA A 46 14.06 14.63 -18.87
C ALA A 46 15.20 13.77 -19.39
N ASP A 47 15.35 12.57 -18.82
CA ASP A 47 16.41 11.64 -19.17
C ASP A 47 15.85 10.27 -19.56
N GLY A 48 14.60 10.23 -20.02
CA GLY A 48 13.98 8.98 -20.36
C GLY A 48 13.34 8.23 -19.20
N SER A 49 13.48 8.71 -17.96
CA SER A 49 12.85 8.04 -16.83
C SER A 49 11.34 7.94 -17.05
N VAL A 50 10.80 6.77 -16.73
CA VAL A 50 9.44 6.40 -17.09
C VAL A 50 8.51 6.77 -15.93
N ASN A 51 7.59 7.70 -16.18
CA ASN A 51 6.65 8.15 -15.16
C ASN A 51 5.42 7.24 -15.12
N PHE A 52 4.83 7.14 -13.93
CA PHE A 52 3.68 6.26 -13.74
C PHE A 52 2.45 6.83 -14.43
N ALA A 53 1.59 5.93 -14.92
CA ALA A 53 0.34 6.33 -15.53
C ALA A 53 -0.54 7.06 -14.52
N SER A 54 -0.51 6.62 -13.26
CA SER A 54 -1.28 7.27 -12.22
C SER A 54 -0.63 6.97 -10.88
N LEU A 55 -0.88 7.85 -9.92
CA LEU A 55 -0.36 7.67 -8.58
C LEU A 55 -1.52 7.78 -7.59
N PRO A 56 -1.48 7.00 -6.51
CA PRO A 56 -2.69 6.81 -5.70
C PRO A 56 -3.07 8.05 -4.91
N THR A 57 -4.39 8.17 -4.68
CA THR A 57 -4.95 9.08 -3.70
C THR A 57 -5.08 8.33 -2.37
N LEU A 58 -4.57 8.94 -1.30
CA LEU A 58 -4.49 8.28 0.02
C LEU A 58 -5.26 9.10 1.04
N ALA A 59 -6.34 8.55 1.57
CA ALA A 59 -6.96 9.13 2.74
C ALA A 59 -5.99 9.01 3.93
N ASP A 60 -6.27 9.78 4.98
CA ASP A 60 -5.41 9.75 6.15
C ASP A 60 -5.23 8.32 6.65
N GLY A 61 -3.97 7.95 6.92
CA GLY A 61 -3.66 6.62 7.38
C GLY A 61 -3.48 5.57 6.32
N GLN A 62 -3.87 5.83 5.07
CA GLN A 62 -3.74 4.81 4.04
C GLN A 62 -2.33 4.83 3.43
N SER A 63 -2.04 3.77 2.68
CA SER A 63 -0.72 3.60 2.10
C SER A 63 -0.86 2.86 0.77
N ALA A 64 0.21 2.93 -0.03
CA ALA A 64 0.26 2.25 -1.32
C ALA A 64 1.71 2.12 -1.75
N THR A 65 1.97 1.15 -2.61
CA THR A 65 3.33 0.83 -3.03
C THR A 65 3.37 0.72 -4.55
N VAL A 66 4.37 1.34 -5.16
CA VAL A 66 4.60 1.24 -6.59
C VAL A 66 5.96 0.60 -6.82
N THR A 67 6.19 0.16 -8.04
CA THR A 67 7.41 -0.54 -8.43
C THR A 67 8.13 0.27 -9.50
N ILE A 68 9.39 0.63 -9.22
CA ILE A 68 10.21 1.41 -10.15
C ILE A 68 10.66 0.50 -11.28
N PRO A 69 10.40 0.86 -12.55
CA PRO A 69 10.75 -0.02 -13.69
C PRO A 69 12.23 0.04 -14.06
N GLU A 70 13.10 -0.27 -13.09
CA GLU A 70 14.54 -0.20 -13.31
C GLU A 70 15.03 -1.20 -14.34
N THR A 71 14.41 -2.38 -14.42
CA THR A 71 14.88 -3.41 -15.34
C THR A 71 14.49 -3.14 -16.78
N SER A 72 13.69 -2.10 -17.04
CA SER A 72 13.31 -1.72 -18.39
C SER A 72 14.10 -0.49 -18.82
N ALA A 73 14.20 -0.32 -20.14
CA ALA A 73 14.84 0.88 -20.66
C ALA A 73 14.14 2.12 -20.13
N PRO A 74 14.88 3.18 -19.76
CA PRO A 74 16.33 3.32 -19.96
C PRO A 74 17.23 2.80 -18.83
N GLY A 75 16.71 1.96 -17.94
CA GLY A 75 17.54 1.41 -16.90
C GLY A 75 17.86 2.34 -15.74
N HIS A 76 17.15 3.46 -15.63
CA HIS A 76 17.29 4.35 -14.49
C HIS A 76 15.97 5.07 -14.28
N TRP A 77 15.81 5.66 -13.09
CA TRP A 77 14.64 6.47 -12.77
C TRP A 77 15.11 7.62 -11.89
N ARG A 78 15.08 8.84 -12.44
CA ARG A 78 15.47 10.05 -11.73
C ARG A 78 14.22 10.92 -11.61
N GLY A 79 13.76 11.15 -10.39
CA GLY A 79 12.53 11.90 -10.24
C GLY A 79 12.18 12.17 -8.79
N LYS A 80 10.96 12.65 -8.60
CA LYS A 80 10.54 13.29 -7.35
C LYS A 80 9.12 12.85 -7.06
N PHE A 81 8.81 12.57 -5.80
CA PHE A 81 7.43 12.34 -5.36
C PHE A 81 7.04 13.43 -4.37
N PHE A 82 5.74 13.73 -4.32
CA PHE A 82 5.27 14.76 -3.41
C PHE A 82 3.79 14.55 -3.16
N ALA A 83 3.32 15.11 -2.05
CA ALA A 83 1.92 15.05 -1.67
C ALA A 83 1.23 16.35 -2.07
N ARG A 84 0.15 16.24 -2.84
CA ARG A 84 -0.73 17.37 -3.06
C ARG A 84 -1.81 17.36 -2.00
N GLN A 85 -2.13 18.55 -1.48
CA GLN A 85 -3.05 18.67 -0.36
C GLN A 85 -4.16 19.66 -0.70
N GLY A 86 -5.31 19.44 -0.08
CA GLY A 86 -6.44 20.35 -0.26
C GLY A 86 -6.97 20.38 -1.67
N CYS A 87 -7.10 19.21 -2.28
CA CYS A 87 -7.56 19.12 -3.66
C CYS A 87 -9.08 19.06 -3.71
N THR A 88 -9.65 19.79 -4.65
CA THR A 88 -11.10 19.85 -4.86
C THR A 88 -11.35 19.86 -6.36
N GLY A 89 -12.60 19.61 -6.74
CA GLY A 89 -13.01 19.76 -8.12
C GLY A 89 -12.97 18.48 -8.91
N THR A 90 -13.19 18.63 -10.21
CA THR A 90 -13.38 17.50 -11.12
C THR A 90 -12.15 17.34 -12.01
N SER A 91 -11.63 16.11 -12.05
CA SER A 91 -10.43 15.83 -12.83
C SER A 91 -10.68 16.12 -14.30
N GLY A 92 -9.72 16.81 -14.92
CA GLY A 92 -9.85 17.20 -16.32
C GLY A 92 -10.58 18.51 -16.56
N ARG A 93 -11.23 19.06 -15.54
CA ARG A 93 -12.00 20.30 -15.69
C ARG A 93 -11.52 21.38 -14.74
N ASP A 94 -11.79 21.26 -13.44
CA ASP A 94 -11.42 22.30 -12.48
C ASP A 94 -10.68 21.74 -11.28
N PHE A 95 -10.11 20.54 -11.39
CA PHE A 95 -9.41 19.92 -10.26
C PHE A 95 -8.20 20.75 -9.87
N HIS A 96 -8.07 21.03 -8.59
CA HIS A 96 -7.03 21.94 -8.14
C HIS A 96 -6.71 21.69 -6.67
N CYS A 97 -5.44 21.86 -6.32
CA CYS A 97 -4.94 21.60 -4.98
C CYS A 97 -4.33 22.85 -4.37
N LEU A 98 -4.52 23.02 -3.06
CA LEU A 98 -3.97 24.17 -2.34
C LEU A 98 -2.45 24.09 -2.17
N VAL A 99 -1.89 22.88 -2.17
CA VAL A 99 -0.45 22.68 -2.03
C VAL A 99 -0.02 21.69 -3.10
N GLY A 100 1.02 22.05 -3.85
CA GLY A 100 1.63 21.13 -4.79
C GLY A 100 0.88 20.92 -6.09
N ASP A 101 -0.04 21.81 -6.47
CA ASP A 101 -0.81 21.59 -7.68
C ASP A 101 0.09 21.40 -8.90
N CYS A 102 -0.28 20.44 -9.74
CA CYS A 102 0.51 20.13 -10.92
C CYS A 102 -0.37 19.87 -12.12
N GLY A 103 -1.56 20.47 -12.15
CA GLY A 103 -2.46 20.35 -13.27
C GLY A 103 -3.82 19.86 -12.85
N VAL A 104 -4.67 19.66 -13.85
CA VAL A 104 -6.11 19.52 -13.64
C VAL A 104 -6.52 18.05 -13.49
N TYR A 105 -5.56 17.13 -13.34
CA TYR A 105 -5.87 15.70 -13.24
C TYR A 105 -5.54 15.18 -11.85
N ALA A 106 -6.47 14.39 -11.30
CA ALA A 106 -6.29 13.86 -9.95
C ALA A 106 -5.23 12.77 -9.90
N ASP A 107 -5.01 12.04 -10.99
CA ASP A 107 -4.17 10.85 -10.94
C ASP A 107 -2.77 11.03 -11.51
N HIS A 108 -2.48 12.15 -12.19
CA HIS A 108 -1.14 12.34 -12.72
C HIS A 108 -0.89 13.81 -12.93
N CYS A 109 0.39 14.19 -12.99
CA CYS A 109 0.78 15.57 -13.19
C CYS A 109 0.84 15.89 -14.67
N ALA A 110 0.17 16.97 -15.07
CA ALA A 110 0.27 17.49 -16.42
C ALA A 110 1.34 18.57 -16.56
N THR A 111 1.70 19.22 -15.45
CA THR A 111 2.69 20.29 -15.44
C THR A 111 3.61 20.10 -14.24
N GLY A 112 4.62 20.98 -14.12
CA GLY A 112 5.38 21.05 -12.90
C GLY A 112 4.51 21.37 -11.70
N GLU A 113 5.02 21.07 -10.52
CA GLU A 113 4.23 21.23 -9.30
C GLU A 113 4.51 22.56 -8.63
N GLN A 114 3.48 23.11 -7.97
CA GLN A 114 3.66 24.25 -7.10
C GLN A 114 4.50 23.82 -5.88
N PRO A 115 5.12 24.78 -5.18
CA PRO A 115 6.14 24.41 -4.18
C PRO A 115 5.59 23.53 -3.07
N ALA A 116 6.31 22.44 -2.79
CA ALA A 116 5.92 21.46 -1.78
C ALA A 116 7.14 20.63 -1.39
N SER A 117 7.03 19.96 -0.25
CA SER A 117 8.07 19.02 0.16
C SER A 117 8.25 17.92 -0.88
N LEU A 118 9.49 17.51 -1.10
CA LEU A 118 9.83 16.56 -2.15
C LEU A 118 10.61 15.37 -1.61
N ALA A 119 10.29 14.19 -2.11
CA ALA A 119 11.10 13.00 -1.92
C ALA A 119 11.76 12.69 -3.26
N GLU A 120 13.09 12.80 -3.31
CA GLU A 120 13.84 12.77 -4.56
C GLU A 120 14.66 11.48 -4.66
N PHE A 121 14.71 10.91 -5.85
CA PHE A 121 15.37 9.62 -6.05
C PHE A 121 16.19 9.59 -7.33
N ASN A 122 17.27 8.84 -7.28
CA ASN A 122 18.06 8.47 -8.46
C ASN A 122 18.28 6.95 -8.40
N PHE A 123 17.35 6.20 -9.01
CA PHE A 123 17.58 4.78 -9.27
C PHE A 123 18.38 4.64 -10.56
N ASP A 124 19.41 3.78 -10.54
CA ASP A 124 20.30 3.71 -11.68
C ASP A 124 21.02 2.36 -11.66
N THR A 125 20.64 1.46 -12.57
CA THR A 125 21.25 0.14 -12.64
C THR A 125 22.70 0.19 -13.10
N ALA A 126 23.19 1.35 -13.55
CA ALA A 126 24.59 1.49 -13.94
C ALA A 126 25.45 2.12 -12.86
N ASP A 127 24.88 2.40 -11.69
CA ASP A 127 25.57 3.08 -10.59
C ASP A 127 25.59 2.13 -9.40
N GLY A 128 26.77 1.62 -9.06
CA GLY A 128 26.89 0.66 -7.98
C GLY A 128 26.52 1.20 -6.60
N LEU A 129 26.46 2.53 -6.46
CA LEU A 129 26.07 3.15 -5.21
C LEU A 129 24.58 3.46 -5.14
N ALA A 130 23.89 3.41 -6.27
CA ALA A 130 22.48 3.76 -6.33
C ALA A 130 21.62 2.66 -5.70
N PRO A 131 20.39 3.00 -5.28
CA PRO A 131 19.69 4.28 -5.40
C PRO A 131 20.14 5.36 -4.43
N TRP A 132 20.22 6.58 -4.95
CA TRP A 132 20.41 7.78 -4.15
C TRP A 132 19.05 8.36 -3.81
N TYR A 133 18.96 8.97 -2.63
CA TYR A 133 17.68 9.54 -2.20
C TYR A 133 17.94 10.70 -1.25
N ASP A 134 16.99 11.62 -1.22
CA ASP A 134 17.06 12.78 -0.34
C ASP A 134 15.68 13.40 -0.21
N VAL A 135 15.49 14.14 0.87
CA VAL A 135 14.30 14.96 1.06
C VAL A 135 14.70 16.39 0.74
N SER A 136 13.86 17.08 -0.02
CA SER A 136 14.19 18.44 -0.42
C SER A 136 13.07 19.39 -0.01
N TYR A 137 13.41 20.36 0.82
CA TYR A 137 12.55 21.49 1.13
C TYR A 137 13.05 22.75 0.43
N VAL A 138 13.77 22.58 -0.67
CA VAL A 138 14.32 23.72 -1.41
C VAL A 138 13.19 24.65 -1.86
N ASN A 139 12.10 24.07 -2.38
CA ASN A 139 11.00 24.90 -2.85
C ASN A 139 10.08 25.31 -1.71
N ALA A 140 9.80 24.39 -0.78
CA ALA A 140 8.86 24.64 0.30
C ALA A 140 8.95 23.50 1.31
N PHE A 141 8.50 23.79 2.53
CA PHE A 141 8.16 22.77 3.51
C PHE A 141 6.65 22.81 3.66
N SER A 142 5.97 21.78 3.14
CA SER A 142 4.54 21.64 3.33
C SER A 142 4.22 20.60 4.42
N VAL A 143 4.70 19.37 4.25
CA VAL A 143 4.60 18.35 5.28
C VAL A 143 5.98 17.76 5.51
N PRO A 144 6.22 17.17 6.69
CA PRO A 144 7.51 16.51 6.91
C PRO A 144 7.56 15.20 6.15
N ILE A 145 8.73 14.90 5.59
CA ILE A 145 8.96 13.65 4.86
C ILE A 145 10.15 12.93 5.45
N THR A 146 10.02 11.62 5.65
CA THR A 146 11.16 10.76 5.89
C THR A 146 11.21 9.70 4.79
N ILE A 147 12.42 9.35 4.38
CA ILE A 147 12.65 8.28 3.42
C ILE A 147 13.54 7.25 4.08
N GLU A 148 13.01 6.06 4.25
CA GLU A 148 13.73 5.03 4.99
C GLU A 148 13.79 3.74 4.19
N PRO A 149 14.97 3.16 4.02
CA PRO A 149 15.12 1.96 3.19
C PRO A 149 14.40 0.77 3.81
N VAL A 150 14.05 -0.18 2.94
CA VAL A 150 13.37 -1.42 3.33
C VAL A 150 14.33 -2.57 3.07
N ASN A 151 14.49 -3.45 4.06
CA ASN A 151 15.35 -4.64 3.94
C ASN A 151 16.79 -4.25 3.59
N ALA A 152 17.30 -3.24 4.31
CA ALA A 152 18.65 -2.77 4.05
C ALA A 152 19.69 -3.71 4.67
N ALA A 153 20.77 -3.95 3.94
CA ALA A 153 21.91 -4.73 4.43
C ALA A 153 23.12 -3.81 4.43
N VAL A 154 23.43 -3.26 5.59
CA VAL A 154 24.52 -2.28 5.70
C VAL A 154 25.82 -3.01 6.00
N PRO A 155 26.90 -2.72 5.29
CA PRO A 155 28.19 -3.31 5.65
C PRO A 155 28.59 -2.86 7.03
N PRO A 156 29.30 -3.70 7.78
CA PRO A 156 29.72 -3.33 9.15
C PRO A 156 30.63 -2.11 9.13
N GLY A 157 30.22 -1.07 9.87
CA GLY A 157 30.94 0.18 9.92
C GLY A 157 30.46 1.23 8.95
N SER A 158 29.68 0.85 7.95
CA SER A 158 29.15 1.80 6.97
C SER A 158 27.98 2.57 7.55
N ALA A 159 27.90 3.86 7.23
CA ALA A 159 26.76 4.69 7.59
C ALA A 159 25.83 4.91 6.41
N SER A 160 25.88 4.05 5.40
CA SER A 160 24.95 4.12 4.29
C SER A 160 23.58 3.62 4.73
N CYS A 161 22.60 3.78 3.84
CA CYS A 161 21.21 3.38 4.09
C CYS A 161 20.62 4.12 5.28
N GLY A 162 21.02 5.36 5.48
CA GLY A 162 20.40 6.17 6.51
C GLY A 162 18.99 6.58 6.12
N THR A 163 18.31 7.22 7.08
CA THR A 163 16.98 7.75 6.86
C THR A 163 17.09 9.21 6.47
N ALA A 164 16.51 9.59 5.34
CA ALA A 164 16.50 10.98 4.91
C ALA A 164 15.30 11.71 5.51
N GLY A 165 15.49 12.97 5.87
CA GLY A 165 14.41 13.77 6.41
C GLY A 165 14.14 13.48 7.87
N CYS A 166 13.15 14.20 8.41
CA CYS A 166 12.80 14.18 9.82
C CYS A 166 11.28 14.20 9.94
N PRO A 167 10.73 13.69 11.04
CA PRO A 167 9.26 13.63 11.17
C PRO A 167 8.61 14.91 11.67
N GLU A 168 9.37 15.85 12.22
CA GLU A 168 8.78 16.98 12.93
C GLU A 168 8.16 17.99 11.97
N ASN A 169 7.00 18.50 12.35
CA ASN A 169 6.32 19.55 11.59
C ASN A 169 7.08 20.86 11.76
N LEU A 170 7.63 21.39 10.67
CA LEU A 170 8.43 22.61 10.76
C LEU A 170 7.66 23.86 10.39
N LEU A 171 6.40 23.75 9.96
CA LEU A 171 5.59 24.93 9.69
C LEU A 171 5.58 25.94 10.84
N PRO A 172 5.48 25.55 12.12
CA PRO A 172 5.47 26.56 13.19
C PRO A 172 6.75 27.37 13.29
N TYR A 173 7.87 26.91 12.73
CA TYR A 173 9.12 27.65 12.75
C TYR A 173 9.33 28.47 11.48
N CYS A 174 8.33 28.52 10.60
CA CYS A 174 8.45 29.24 9.36
C CYS A 174 8.52 30.75 9.63
N PRO A 175 9.43 31.46 8.97
CA PRO A 175 9.39 32.93 9.04
C PRO A 175 8.04 33.43 8.54
N ALA A 176 7.51 34.44 9.24
CA ALA A 176 6.14 34.88 8.99
C ALA A 176 5.93 35.28 7.54
N ALA A 177 6.96 35.86 6.92
CA ALA A 177 6.83 36.34 5.55
C ALA A 177 6.66 35.22 4.53
N ASN A 178 7.04 33.98 4.88
CA ASN A 178 7.03 32.87 3.94
C ASN A 178 5.88 31.90 4.18
N ARG A 179 4.96 32.22 5.09
CA ARG A 179 3.86 31.35 5.42
C ARG A 179 2.72 31.48 4.40
N GLN A 180 2.09 30.35 4.07
CA GLN A 180 0.91 30.32 3.22
C GLN A 180 -0.25 29.66 3.95
N TYR A 181 -1.44 30.22 3.78
CA TYR A 181 -2.61 29.78 4.52
C TYR A 181 -3.68 29.28 3.56
N SER A 182 -4.47 28.33 4.04
CA SER A 182 -5.67 27.93 3.33
C SER A 182 -6.70 29.05 3.40
N PRO A 183 -7.71 29.03 2.53
CA PRO A 183 -8.77 30.04 2.64
C PRO A 183 -9.44 30.07 4.01
N SER A 184 -9.50 28.92 4.70
CA SER A 184 -10.09 28.84 6.02
C SER A 184 -9.15 29.32 7.13
N GLY A 185 -7.94 29.76 6.80
CA GLY A 185 -7.05 30.36 7.77
C GLY A 185 -6.01 29.44 8.38
N THR A 186 -5.88 28.21 7.90
CA THR A 186 -4.91 27.26 8.44
C THR A 186 -3.57 27.42 7.75
N LEU A 187 -2.49 27.38 8.54
CA LEU A 187 -1.14 27.38 8.00
C LEU A 187 -0.87 26.06 7.28
N ILE A 188 -0.55 26.11 5.99
CA ILE A 188 -0.45 24.88 5.22
C ILE A 188 0.87 24.77 4.45
N ASN A 189 1.64 25.84 4.37
CA ASN A 189 2.85 25.77 3.56
C ASN A 189 3.83 26.85 3.99
N CYS A 190 5.10 26.59 3.71
CA CYS A 190 6.19 27.53 4.00
C CYS A 190 7.09 27.55 2.77
N VAL A 191 7.09 28.67 2.03
CA VAL A 191 7.67 28.71 0.69
C VAL A 191 8.99 29.44 0.73
N ASN A 192 10.03 28.81 0.20
CA ASN A 192 11.37 29.38 0.19
C ASN A 192 11.38 30.65 -0.65
N PRO A 193 11.78 31.79 -0.08
CA PRO A 193 11.86 33.02 -0.88
C PRO A 193 13.06 33.09 -1.81
N ASN A 194 14.08 32.25 -1.60
CA ASN A 194 15.25 32.24 -2.46
C ASN A 194 15.83 30.83 -2.45
N ARG A 195 15.51 30.06 -3.49
CA ARG A 195 15.91 28.66 -3.52
C ARG A 195 17.41 28.47 -3.64
N ASP A 196 18.14 29.50 -4.06
CA ASP A 196 19.53 29.36 -4.47
C ASP A 196 20.52 30.04 -3.52
N ALA A 197 20.05 30.54 -2.37
CA ALA A 197 20.95 31.17 -1.41
C ALA A 197 20.39 30.98 -0.02
N PRO A 198 21.24 30.92 1.00
CA PRO A 198 20.74 30.82 2.38
C PRO A 198 19.84 31.99 2.73
N THR A 199 18.76 31.68 3.45
CA THR A 199 17.82 32.67 3.94
C THR A 199 17.47 32.34 5.38
N SER A 200 16.64 33.18 5.99
CA SER A 200 16.10 32.82 7.30
C SER A 200 15.16 31.63 7.19
N TYR A 201 14.57 31.42 6.02
CA TYR A 201 13.80 30.20 5.77
C TYR A 201 14.69 28.97 5.89
N SER A 202 15.81 28.95 5.13
CA SER A 202 16.66 27.77 5.15
C SER A 202 17.38 27.62 6.49
N ASP A 203 17.64 28.72 7.18
CA ASP A 203 18.24 28.64 8.51
C ASP A 203 17.35 27.86 9.46
N ALA A 204 16.05 28.18 9.47
CA ALA A 204 15.12 27.51 10.36
C ALA A 204 14.96 26.03 10.00
N ILE A 205 14.84 25.72 8.71
CA ILE A 205 14.71 24.32 8.29
C ILE A 205 15.94 23.53 8.69
N LYS A 206 17.12 24.03 8.32
CA LYS A 206 18.37 23.33 8.60
C LYS A 206 18.60 23.16 10.10
N SER A 207 18.22 24.17 10.88
CA SER A 207 18.40 24.09 12.33
C SER A 207 17.56 22.98 12.94
N HIS A 208 16.39 22.71 12.37
CA HIS A 208 15.51 21.68 12.90
C HIS A 208 15.70 20.32 12.25
N CYS A 209 16.04 20.28 10.96
CA CYS A 209 16.32 19.03 10.26
C CYS A 209 17.48 19.21 9.31
N PRO A 210 18.71 18.87 9.73
CA PRO A 210 19.86 18.95 8.81
C PRO A 210 19.88 17.84 7.77
N LYS A 211 18.94 16.90 7.85
CA LYS A 211 18.93 15.72 7.00
C LYS A 211 18.10 15.90 5.73
N ALA A 212 18.08 17.12 5.20
CA ALA A 212 17.31 17.45 4.01
C ALA A 212 17.90 18.71 3.39
N TYR A 213 17.63 18.89 2.09
CA TYR A 213 17.99 20.13 1.42
C TYR A 213 17.04 21.25 1.84
N ALA A 214 17.59 22.37 2.29
CA ALA A 214 16.80 23.57 2.51
C ALA A 214 17.06 24.65 1.46
N TRP A 215 18.19 24.57 0.76
CA TRP A 215 18.45 25.42 -0.39
C TRP A 215 19.33 24.62 -1.36
N SER A 216 19.37 25.10 -2.62
CA SER A 216 19.78 24.23 -3.72
C SER A 216 21.21 23.73 -3.59
N LYS A 217 22.12 24.55 -3.04
CA LYS A 217 23.53 24.18 -2.97
C LYS A 217 23.98 23.84 -1.56
N GLN A 218 23.05 23.39 -0.70
CA GLN A 218 23.41 22.96 0.64
C GLN A 218 24.38 21.78 0.62
N ASP A 219 24.33 20.95 -0.43
CA ASP A 219 25.21 19.80 -0.45
C ASP A 219 26.66 20.17 -0.75
N THR A 220 26.98 21.45 -0.86
CA THR A 220 28.35 21.92 -0.93
C THR A 220 28.85 22.49 0.40
N GLU A 221 27.97 22.59 1.39
CA GLU A 221 28.37 23.05 2.72
C GLU A 221 29.12 21.94 3.44
N PRO A 222 30.23 22.24 4.09
CA PRO A 222 30.97 21.19 4.79
C PRO A 222 30.17 20.67 5.97
N GLY A 223 30.14 19.35 6.11
CA GLY A 223 29.41 18.70 7.18
C GLY A 223 27.94 18.49 6.92
N ASN A 224 27.44 18.85 5.73
CA ASN A 224 26.02 18.70 5.43
C ASN A 224 25.62 17.22 5.39
N GLN A 225 24.34 16.98 5.67
CA GLN A 225 23.77 15.63 5.74
C GLN A 225 22.59 15.50 4.77
N THR A 226 22.75 16.04 3.56
CA THR A 226 21.62 16.15 2.64
C THR A 226 21.40 14.87 1.84
N MET A 227 22.46 14.14 1.49
CA MET A 227 22.36 13.06 0.53
C MET A 227 22.56 11.70 1.15
N TYR A 228 21.80 10.74 0.65
CA TYR A 228 21.78 9.37 1.14
C TYR A 228 21.81 8.41 -0.05
N GLN A 229 22.36 7.23 0.16
CA GLN A 229 22.27 6.16 -0.81
C GLN A 229 22.28 4.82 -0.09
N CYS A 230 21.72 3.81 -0.75
CA CYS A 230 21.60 2.48 -0.16
C CYS A 230 21.67 1.47 -1.29
N ALA A 231 22.84 0.87 -1.47
CA ALA A 231 23.04 -0.03 -2.60
C ALA A 231 22.47 -1.43 -2.38
N SER A 232 21.91 -1.73 -1.19
CA SER A 232 21.45 -3.08 -0.87
C SER A 232 20.14 -3.01 -0.07
N CYS A 233 19.06 -2.61 -0.74
CA CYS A 233 17.73 -2.64 -0.16
C CYS A 233 16.74 -3.02 -1.25
N THR A 234 15.54 -3.45 -0.84
CA THR A 234 14.53 -3.83 -1.80
C THR A 234 13.60 -2.67 -2.16
N GLY A 235 13.65 -1.57 -1.42
CA GLY A 235 12.75 -0.46 -1.67
C GLY A 235 12.86 0.58 -0.57
N PHE A 236 11.88 1.48 -0.56
CA PHE A 236 11.87 2.61 0.35
C PHE A 236 10.47 2.82 0.90
N THR A 237 10.40 3.38 2.10
CA THR A 237 9.16 3.86 2.69
C THR A 237 9.23 5.37 2.77
N ILE A 238 8.35 6.05 2.05
CA ILE A 238 8.19 7.50 2.15
C ILE A 238 6.99 7.75 3.06
N THR A 239 7.25 8.36 4.22
CA THR A 239 6.19 8.72 5.14
C THR A 239 5.99 10.22 5.12
N PHE A 240 4.76 10.64 4.87
CA PHE A 240 4.35 12.04 4.98
C PHE A 240 3.75 12.23 6.36
N HIS A 241 4.47 12.96 7.21
CA HIS A 241 4.19 12.96 8.64
C HIS A 241 3.12 13.99 9.02
N ARG A 242 2.75 13.97 10.28
CA ARG A 242 1.66 14.81 10.79
C ARG A 242 1.98 16.27 10.57
N ALA A 243 1.01 17.00 9.99
CA ALA A 243 1.23 18.38 9.59
C ALA A 243 0.18 19.32 10.17
N SER A 244 -0.68 18.81 11.05
CA SER A 244 -1.69 19.62 11.70
C SER A 244 -2.27 18.85 12.88
N GLY B 24 -19.87 3.70 -9.16
CA GLY B 24 -18.84 3.02 -9.92
C GLY B 24 -17.93 2.15 -9.08
N ASN B 25 -17.99 2.32 -7.76
CA ASN B 25 -17.15 1.56 -6.84
C ASN B 25 -17.89 0.32 -6.38
N HIS B 26 -17.26 -0.85 -6.55
CA HIS B 26 -17.79 -2.08 -5.97
C HIS B 26 -17.65 -2.03 -4.45
N THR B 27 -18.55 -2.73 -3.78
CA THR B 27 -18.46 -2.95 -2.34
C THR B 27 -18.03 -4.37 -2.05
N VAL B 28 -17.50 -4.58 -0.85
CA VAL B 28 -17.13 -5.91 -0.38
C VAL B 28 -17.70 -6.06 1.02
N THR B 29 -18.55 -7.08 1.21
CA THR B 29 -19.22 -7.35 2.47
C THR B 29 -18.57 -8.58 3.12
N PHE B 30 -18.15 -8.43 4.37
CA PHE B 30 -17.57 -9.52 5.16
C PHE B 30 -18.64 -10.09 6.07
N VAL B 31 -18.77 -11.42 6.09
CA VAL B 31 -19.75 -12.10 6.94
C VAL B 31 -19.01 -13.10 7.81
N ASN B 32 -19.10 -12.92 9.13
CA ASN B 32 -18.37 -13.76 10.08
C ASN B 32 -19.27 -14.89 10.54
N HIS B 33 -19.08 -16.08 9.98
CA HIS B 33 -19.73 -17.30 10.45
C HIS B 33 -18.73 -18.29 11.03
N THR B 34 -17.62 -17.81 11.59
CA THR B 34 -16.59 -18.70 12.10
C THR B 34 -16.87 -19.23 13.49
N GLY B 35 -17.80 -18.64 14.24
CA GLY B 35 -18.00 -19.00 15.63
C GLY B 35 -17.17 -18.21 16.61
N GLN B 36 -16.31 -17.31 16.15
CA GLN B 36 -15.41 -16.54 17.00
C GLN B 36 -15.24 -15.15 16.39
N THR B 37 -14.68 -14.24 17.17
CA THR B 37 -14.43 -12.90 16.68
C THR B 37 -13.32 -12.91 15.63
N ILE B 38 -13.45 -12.07 14.60
CA ILE B 38 -12.38 -11.91 13.63
C ILE B 38 -12.06 -10.43 13.48
N TRP B 39 -10.78 -10.15 13.27
CA TRP B 39 -10.26 -8.82 12.99
C TRP B 39 -9.85 -8.82 11.52
N LEU B 40 -10.60 -8.09 10.69
CA LEU B 40 -10.33 -8.13 9.25
C LEU B 40 -8.96 -7.50 8.95
N GLY B 41 -8.25 -8.12 8.00
CA GLY B 41 -7.01 -7.57 7.53
C GLY B 41 -6.99 -7.52 6.00
N SER B 42 -6.08 -6.72 5.47
CA SER B 42 -5.95 -6.62 4.02
C SER B 42 -4.52 -6.26 3.67
N THR B 43 -4.08 -6.78 2.51
CA THR B 43 -2.81 -6.41 1.92
C THR B 43 -3.05 -6.10 0.45
N VAL B 44 -2.13 -5.36 -0.16
CA VAL B 44 -2.29 -4.93 -1.54
C VAL B 44 -1.01 -5.20 -2.32
N ASN B 45 -1.16 -5.39 -3.62
CA ASN B 45 -0.02 -5.54 -4.53
C ASN B 45 0.74 -4.23 -4.66
N ALA B 46 2.00 -4.34 -5.11
CA ALA B 46 2.86 -3.17 -5.32
C ALA B 46 2.58 -2.53 -6.69
N ASP B 47 1.31 -2.24 -6.96
CA ASP B 47 0.87 -1.62 -8.20
C ASP B 47 0.10 -0.33 -7.96
N GLY B 48 0.30 0.31 -6.81
CA GLY B 48 -0.40 1.53 -6.46
C GLY B 48 -1.75 1.33 -5.79
N SER B 49 -2.22 0.08 -5.68
CA SER B 49 -3.48 -0.18 -4.99
C SER B 49 -3.43 0.35 -3.57
N VAL B 50 -4.54 0.94 -3.12
CA VAL B 50 -4.57 1.69 -1.86
C VAL B 50 -5.08 0.77 -0.76
N ASN B 51 -4.24 0.54 0.26
CA ASN B 51 -4.64 -0.29 1.37
C ASN B 51 -5.53 0.48 2.34
N PHE B 52 -6.45 -0.25 2.96
CA PHE B 52 -7.36 0.33 3.93
C PHE B 52 -6.63 0.67 5.23
N ALA B 53 -6.99 1.82 5.81
CA ALA B 53 -6.44 2.21 7.10
C ALA B 53 -7.31 1.74 8.26
N SER B 54 -8.53 1.30 7.98
CA SER B 54 -9.47 0.93 9.04
C SER B 54 -10.34 -0.20 8.52
N LEU B 55 -10.32 -1.35 9.19
CA LEU B 55 -11.14 -2.49 8.83
C LEU B 55 -11.90 -2.99 10.06
N PRO B 56 -13.12 -3.51 9.86
CA PRO B 56 -13.99 -3.82 11.00
C PRO B 56 -13.51 -5.02 11.79
N THR B 57 -13.82 -4.98 13.09
CA THR B 57 -13.76 -6.15 13.95
C THR B 57 -15.17 -6.73 14.08
N LEU B 58 -15.31 -8.03 13.80
CA LEU B 58 -16.62 -8.66 13.72
C LEU B 58 -16.73 -9.73 14.80
N ALA B 59 -17.67 -9.53 15.73
CA ALA B 59 -18.07 -10.64 16.58
C ALA B 59 -18.77 -11.70 15.73
N ASP B 60 -18.86 -12.92 16.29
CA ASP B 60 -19.47 -14.03 15.57
C ASP B 60 -20.85 -13.64 15.07
N GLY B 61 -21.11 -13.92 13.79
CA GLY B 61 -22.38 -13.63 13.18
C GLY B 61 -22.51 -12.24 12.57
N GLN B 62 -21.60 -11.32 12.87
CA GLN B 62 -21.75 -9.96 12.41
C GLN B 62 -21.20 -9.80 10.99
N SER B 63 -21.50 -8.66 10.39
CA SER B 63 -21.05 -8.36 9.03
C SER B 63 -20.72 -6.89 8.92
N ALA B 64 -19.97 -6.56 7.86
CA ALA B 64 -19.65 -5.17 7.56
C ALA B 64 -19.24 -5.10 6.09
N THR B 65 -19.34 -3.89 5.53
CA THR B 65 -19.11 -3.65 4.11
C THR B 65 -18.16 -2.48 3.94
N VAL B 66 -17.17 -2.64 3.07
CA VAL B 66 -16.27 -1.55 2.71
C VAL B 66 -16.40 -1.27 1.22
N THR B 67 -15.89 -0.11 0.81
CA THR B 67 -15.97 0.34 -0.56
C THR B 67 -14.57 0.30 -1.19
N ILE B 68 -14.46 -0.36 -2.33
CA ILE B 68 -13.20 -0.39 -3.07
C ILE B 68 -13.03 0.94 -3.81
N PRO B 69 -11.90 1.64 -3.65
CA PRO B 69 -11.75 2.98 -4.25
C PRO B 69 -11.35 2.94 -5.71
N GLU B 70 -12.19 2.31 -6.53
CA GLU B 70 -11.94 2.24 -7.97
C GLU B 70 -12.05 3.60 -8.65
N THR B 71 -12.95 4.46 -8.18
CA THR B 71 -13.11 5.77 -8.80
C THR B 71 -11.97 6.73 -8.47
N SER B 72 -11.04 6.34 -7.60
CA SER B 72 -9.88 7.13 -7.26
C SER B 72 -8.62 6.51 -7.86
N ALA B 73 -7.60 7.33 -8.03
CA ALA B 73 -6.34 6.84 -8.54
C ALA B 73 -5.82 5.72 -7.63
N PRO B 74 -5.25 4.64 -8.20
CA PRO B 74 -4.92 4.45 -9.61
C PRO B 74 -5.98 3.76 -10.45
N GLY B 75 -7.23 3.80 -10.04
CA GLY B 75 -8.28 3.18 -10.84
C GLY B 75 -8.28 1.67 -10.83
N HIS B 76 -7.55 1.04 -9.92
CA HIS B 76 -7.63 -0.40 -9.73
C HIS B 76 -7.31 -0.72 -8.27
N TRP B 77 -7.67 -1.94 -7.86
CA TRP B 77 -7.36 -2.44 -6.52
C TRP B 77 -7.06 -3.93 -6.64
N ARG B 78 -5.79 -4.30 -6.52
CA ARG B 78 -5.36 -5.69 -6.54
C ARG B 78 -4.88 -6.03 -5.13
N GLY B 79 -5.61 -6.89 -4.45
CA GLY B 79 -5.29 -7.13 -3.05
C GLY B 79 -6.08 -8.29 -2.49
N LYS B 80 -5.95 -8.45 -1.17
CA LYS B 80 -6.45 -9.62 -0.47
C LYS B 80 -7.12 -9.18 0.83
N PHE B 81 -8.15 -9.92 1.23
CA PHE B 81 -8.76 -9.77 2.55
C PHE B 81 -8.65 -11.11 3.28
N PHE B 82 -8.58 -11.04 4.61
CA PHE B 82 -8.45 -12.26 5.40
C PHE B 82 -8.90 -11.98 6.83
N ALA B 83 -9.27 -13.06 7.52
CA ALA B 83 -9.67 -12.98 8.91
C ALA B 83 -8.46 -13.25 9.81
N ARG B 84 -8.12 -12.29 10.66
CA ARG B 84 -7.22 -12.56 11.77
C ARG B 84 -8.02 -13.13 12.93
N GLN B 85 -7.47 -14.15 13.59
CA GLN B 85 -8.17 -14.88 14.63
C GLN B 85 -7.34 -14.93 15.90
N GLY B 86 -8.02 -15.04 17.04
CA GLY B 86 -7.36 -15.15 18.33
C GLY B 86 -6.44 -13.99 18.64
N CYS B 87 -6.93 -12.77 18.46
CA CYS B 87 -6.13 -11.58 18.71
C CYS B 87 -6.29 -11.12 20.15
N THR B 88 -5.18 -10.76 20.77
CA THR B 88 -5.16 -10.24 22.14
C THR B 88 -4.18 -9.09 22.22
N GLY B 89 -4.32 -8.28 23.27
CA GLY B 89 -3.37 -7.20 23.51
C GLY B 89 -3.90 -5.84 23.07
N THR B 90 -3.03 -4.85 23.22
CA THR B 90 -3.40 -3.46 23.01
C THR B 90 -2.90 -2.99 21.65
N SER B 91 -3.82 -2.41 20.87
CA SER B 91 -3.48 -1.94 19.53
C SER B 91 -2.41 -0.85 19.61
N GLY B 92 -1.39 -0.99 18.75
CA GLY B 92 -0.25 -0.08 18.76
C GLY B 92 0.88 -0.50 19.66
N ARG B 93 0.67 -1.51 20.51
CA ARG B 93 1.70 -1.95 21.44
C ARG B 93 2.05 -3.43 21.24
N ASP B 94 1.25 -4.32 21.83
CA ASP B 94 1.52 -5.74 21.83
C ASP B 94 0.40 -6.57 21.19
N PHE B 95 -0.54 -5.91 20.51
CA PHE B 95 -1.62 -6.62 19.85
C PHE B 95 -1.04 -7.64 18.88
N HIS B 96 -1.50 -8.89 19.00
CA HIS B 96 -1.00 -9.98 18.18
C HIS B 96 -2.06 -11.05 18.06
N CYS B 97 -2.06 -11.75 16.92
CA CYS B 97 -3.10 -12.70 16.57
C CYS B 97 -2.50 -14.09 16.33
N LEU B 98 -3.25 -15.12 16.73
CA LEU B 98 -2.80 -16.50 16.54
C LEU B 98 -2.79 -16.90 15.07
N VAL B 99 -3.70 -16.32 14.27
CA VAL B 99 -3.80 -16.62 12.85
C VAL B 99 -3.82 -15.30 12.08
N GLY B 100 -2.94 -15.20 11.08
CA GLY B 100 -3.02 -14.10 10.13
C GLY B 100 -2.46 -12.78 10.60
N ASP B 101 -1.62 -12.78 11.63
CA ASP B 101 -1.11 -11.53 12.17
C ASP B 101 -0.41 -10.70 11.10
N CYS B 102 -0.64 -9.40 11.15
CA CYS B 102 -0.05 -8.48 10.18
C CYS B 102 0.41 -7.19 10.84
N GLY B 103 0.77 -7.24 12.11
CA GLY B 103 1.23 -6.07 12.84
C GLY B 103 0.41 -5.84 14.10
N VAL B 104 0.79 -4.77 14.80
CA VAL B 104 0.30 -4.52 16.15
C VAL B 104 -0.95 -3.63 16.18
N TYR B 105 -1.58 -3.42 15.02
CA TYR B 105 -2.75 -2.55 14.96
C TYR B 105 -4.02 -3.37 14.72
N ALA B 106 -5.01 -3.17 15.59
CA ALA B 106 -6.24 -3.94 15.51
C ALA B 106 -7.06 -3.62 14.27
N ASP B 107 -6.92 -2.42 13.69
CA ASP B 107 -7.82 -1.99 12.63
C ASP B 107 -7.21 -2.00 11.24
N HIS B 108 -5.93 -2.33 11.09
CA HIS B 108 -5.32 -2.39 9.77
C HIS B 108 -4.02 -3.18 9.86
N CYS B 109 -3.46 -3.47 8.68
CA CYS B 109 -2.20 -4.19 8.57
C CYS B 109 -1.06 -3.21 8.35
N ALA B 110 -0.04 -3.32 9.18
CA ALA B 110 1.19 -2.56 8.99
C ALA B 110 2.24 -3.35 8.22
N THR B 111 2.11 -4.67 8.17
CA THR B 111 3.04 -5.53 7.45
C THR B 111 2.23 -6.58 6.67
N GLY B 112 2.95 -7.47 5.97
CA GLY B 112 2.32 -8.63 5.39
C GLY B 112 1.84 -9.59 6.46
N GLU B 113 0.96 -10.51 6.06
CA GLU B 113 0.24 -11.34 7.02
C GLU B 113 0.85 -12.72 7.15
N GLN B 114 0.71 -13.30 8.34
CA GLN B 114 1.07 -14.70 8.55
C GLN B 114 0.06 -15.61 7.83
N PRO B 115 0.44 -16.86 7.56
CA PRO B 115 -0.37 -17.70 6.64
C PRO B 115 -1.81 -17.87 7.12
N ALA B 116 -2.75 -17.56 6.23
CA ALA B 116 -4.18 -17.69 6.50
C ALA B 116 -4.91 -17.81 5.18
N SER B 117 -6.16 -18.29 5.26
CA SER B 117 -7.03 -18.31 4.08
C SER B 117 -7.20 -16.89 3.56
N LEU B 118 -7.25 -16.76 2.23
CA LEU B 118 -7.28 -15.45 1.58
C LEU B 118 -8.46 -15.33 0.63
N ALA B 119 -9.07 -14.15 0.60
CA ALA B 119 -9.99 -13.73 -0.45
C ALA B 119 -9.28 -12.69 -1.31
N GLU B 120 -8.97 -13.05 -2.56
CA GLU B 120 -8.14 -12.23 -3.44
C GLU B 120 -8.98 -11.60 -4.55
N PHE B 121 -8.64 -10.37 -4.94
CA PHE B 121 -9.44 -9.60 -5.87
C PHE B 121 -8.54 -8.81 -6.82
N ASN B 122 -9.05 -8.62 -8.04
CA ASN B 122 -8.50 -7.65 -9.00
C ASN B 122 -9.65 -6.80 -9.50
N PHE B 123 -9.88 -5.66 -8.85
CA PHE B 123 -10.78 -4.64 -9.37
C PHE B 123 -9.97 -3.75 -10.31
N ASP B 124 -10.54 -3.42 -11.47
CA ASP B 124 -9.78 -2.72 -12.50
C ASP B 124 -10.75 -2.03 -13.46
N THR B 125 -10.83 -0.69 -13.35
CA THR B 125 -11.73 0.06 -14.22
C THR B 125 -11.33 -0.03 -15.68
N ALA B 126 -10.10 -0.44 -15.98
CA ALA B 126 -9.60 -0.54 -17.33
C ALA B 126 -9.69 -1.96 -17.90
N ASP B 127 -10.29 -2.89 -17.16
CA ASP B 127 -10.38 -4.28 -17.56
C ASP B 127 -11.85 -4.63 -17.72
N GLY B 128 -12.27 -4.93 -18.95
CA GLY B 128 -13.66 -5.20 -19.24
C GLY B 128 -14.21 -6.47 -18.62
N LEU B 129 -13.32 -7.38 -18.20
CA LEU B 129 -13.73 -8.61 -17.54
C LEU B 129 -13.69 -8.50 -16.02
N ALA B 130 -13.06 -7.46 -15.48
CA ALA B 130 -12.92 -7.30 -14.05
C ALA B 130 -14.26 -6.91 -13.42
N PRO B 131 -14.43 -7.16 -12.10
CA PRO B 131 -13.45 -7.74 -11.17
C PRO B 131 -13.22 -9.24 -11.30
N TRP B 132 -11.95 -9.62 -11.10
CA TRP B 132 -11.54 -10.99 -10.90
C TRP B 132 -11.48 -11.29 -9.41
N TYR B 133 -11.78 -12.54 -9.04
CA TYR B 133 -11.78 -12.92 -7.64
C TYR B 133 -11.47 -14.41 -7.50
N ASP B 134 -10.89 -14.78 -6.36
CA ASP B 134 -10.55 -16.17 -6.08
C ASP B 134 -10.31 -16.33 -4.59
N VAL B 135 -10.48 -17.56 -4.12
CA VAL B 135 -10.09 -17.96 -2.77
C VAL B 135 -8.74 -18.66 -2.87
N SER B 136 -7.79 -18.27 -2.02
CA SER B 136 -6.46 -18.88 -2.04
C SER B 136 -6.15 -19.50 -0.69
N TYR B 137 -5.93 -20.82 -0.68
CA TYR B 137 -5.30 -21.52 0.42
C TYR B 137 -3.84 -21.84 0.12
N VAL B 138 -3.22 -21.06 -0.76
CA VAL B 138 -1.82 -21.29 -1.11
C VAL B 138 -0.94 -21.21 0.12
N ASN B 139 -1.18 -20.23 1.00
CA ASN B 139 -0.36 -20.11 2.19
C ASN B 139 -0.84 -21.02 3.31
N ALA B 140 -2.16 -21.12 3.48
CA ALA B 140 -2.73 -21.89 4.58
C ALA B 140 -4.23 -22.01 4.39
N PHE B 141 -4.81 -22.98 5.09
CA PHE B 141 -6.25 -23.09 5.28
C PHE B 141 -6.51 -22.85 6.76
N SER B 142 -7.08 -21.69 7.08
CA SER B 142 -7.48 -21.36 8.45
C SER B 142 -8.98 -21.52 8.63
N VAL B 143 -9.76 -20.78 7.85
CA VAL B 143 -11.21 -20.94 7.83
C VAL B 143 -11.63 -21.08 6.37
N PRO B 144 -12.76 -21.73 6.09
CA PRO B 144 -13.25 -21.79 4.71
C PRO B 144 -13.79 -20.44 4.30
N ILE B 145 -13.55 -20.07 3.04
CA ILE B 145 -14.05 -18.81 2.50
C ILE B 145 -14.85 -19.11 1.25
N THR B 146 -16.00 -18.44 1.11
CA THR B 146 -16.71 -18.34 -0.16
C THR B 146 -16.82 -16.88 -0.57
N ILE B 147 -16.73 -16.62 -1.87
CA ILE B 147 -16.90 -15.29 -2.44
C ILE B 147 -18.05 -15.34 -3.42
N GLU B 148 -19.11 -14.57 -3.15
CA GLU B 148 -20.32 -14.55 -3.95
C GLU B 148 -20.54 -13.17 -4.53
N PRO B 149 -20.75 -13.05 -5.84
CA PRO B 149 -21.12 -11.74 -6.41
C PRO B 149 -22.48 -11.29 -5.92
N VAL B 150 -22.67 -9.97 -5.88
CA VAL B 150 -23.93 -9.35 -5.47
C VAL B 150 -24.52 -8.64 -6.68
N ASN B 151 -25.81 -8.88 -6.94
CA ASN B 151 -26.52 -8.27 -8.07
C ASN B 151 -25.85 -8.59 -9.40
N ALA B 152 -25.48 -9.85 -9.58
CA ALA B 152 -24.78 -10.25 -10.80
C ALA B 152 -25.76 -10.27 -11.97
N ALA B 153 -25.36 -9.66 -13.08
CA ALA B 153 -26.06 -9.75 -14.35
C ALA B 153 -25.18 -10.56 -15.27
N VAL B 154 -25.54 -11.81 -15.49
CA VAL B 154 -24.71 -12.78 -16.22
C VAL B 154 -25.15 -12.79 -17.67
N PRO B 155 -24.24 -12.71 -18.63
CA PRO B 155 -24.64 -12.87 -20.03
C PRO B 155 -25.25 -14.23 -20.26
N PRO B 156 -26.17 -14.36 -21.22
CA PRO B 156 -26.88 -15.64 -21.40
C PRO B 156 -25.90 -16.77 -21.74
N GLY B 157 -26.08 -17.90 -21.06
CA GLY B 157 -25.23 -19.06 -21.25
C GLY B 157 -23.81 -18.92 -20.72
N SER B 158 -23.47 -17.80 -20.10
CA SER B 158 -22.13 -17.62 -19.56
C SER B 158 -21.96 -18.39 -18.25
N ALA B 159 -20.73 -18.85 -18.00
CA ALA B 159 -20.38 -19.53 -16.77
C ALA B 159 -19.68 -18.62 -15.78
N SER B 160 -19.70 -17.31 -16.00
CA SER B 160 -19.04 -16.36 -15.13
C SER B 160 -19.94 -15.99 -13.94
N CYS B 161 -19.39 -15.18 -13.03
CA CYS B 161 -20.07 -14.77 -11.80
C CYS B 161 -20.41 -15.95 -10.91
N GLY B 162 -19.58 -16.99 -10.92
CA GLY B 162 -19.76 -18.12 -10.03
C GLY B 162 -19.30 -17.80 -8.62
N THR B 163 -19.50 -18.76 -7.73
CA THR B 163 -19.08 -18.64 -6.34
C THR B 163 -17.69 -19.26 -6.18
N ALA B 164 -16.75 -18.49 -5.65
CA ALA B 164 -15.42 -18.99 -5.38
C ALA B 164 -15.35 -19.61 -3.99
N GLY B 165 -14.55 -20.66 -3.86
CA GLY B 165 -14.40 -21.33 -2.58
C GLY B 165 -15.59 -22.21 -2.22
N CYS B 166 -15.46 -22.91 -1.10
CA CYS B 166 -16.42 -23.84 -0.55
C CYS B 166 -16.63 -23.59 0.94
N PRO B 167 -17.81 -23.93 1.48
CA PRO B 167 -18.08 -23.65 2.90
C PRO B 167 -17.51 -24.68 3.88
N GLU B 168 -17.07 -25.85 3.42
CA GLU B 168 -16.74 -26.94 4.33
C GLU B 168 -15.41 -26.72 5.04
N ASN B 169 -15.35 -27.17 6.29
CA ASN B 169 -14.12 -27.09 7.09
C ASN B 169 -13.17 -28.20 6.65
N LEU B 170 -12.00 -27.81 6.14
CA LEU B 170 -11.03 -28.77 5.64
C LEU B 170 -9.92 -29.10 6.63
N LEU B 171 -9.89 -28.45 7.79
CA LEU B 171 -8.87 -28.73 8.80
C LEU B 171 -8.79 -30.21 9.19
N PRO B 172 -9.90 -30.96 9.23
CA PRO B 172 -9.76 -32.41 9.52
C PRO B 172 -8.94 -33.19 8.50
N TYR B 173 -8.79 -32.68 7.29
CA TYR B 173 -8.00 -33.35 6.26
C TYR B 173 -6.58 -32.82 6.17
N CYS B 174 -6.19 -31.94 7.09
CA CYS B 174 -4.84 -31.39 7.10
C CYS B 174 -3.84 -32.49 7.41
N PRO B 175 -2.79 -32.66 6.61
CA PRO B 175 -1.68 -33.54 7.02
C PRO B 175 -1.17 -33.13 8.40
N ALA B 176 -0.91 -34.15 9.23
CA ALA B 176 -0.58 -33.89 10.63
C ALA B 176 0.63 -32.96 10.75
N ALA B 177 1.60 -33.10 9.85
CA ALA B 177 2.82 -32.30 9.95
C ALA B 177 2.58 -30.81 9.73
N ASN B 178 1.46 -30.44 9.11
CA ASN B 178 1.20 -29.06 8.73
C ASN B 178 0.23 -28.36 9.67
N ARG B 179 -0.19 -29.00 10.75
CA ARG B 179 -1.30 -28.49 11.54
C ARG B 179 -0.74 -27.47 12.52
N GLN B 180 -1.49 -26.39 12.79
CA GLN B 180 -1.14 -25.53 13.91
C GLN B 180 -2.26 -25.49 14.94
N TYR B 181 -1.86 -25.38 16.21
CA TYR B 181 -2.75 -25.47 17.35
C TYR B 181 -2.68 -24.20 18.18
N SER B 182 -3.84 -23.78 18.69
CA SER B 182 -3.87 -22.75 19.72
C SER B 182 -3.16 -23.27 20.97
N PRO B 183 -2.68 -22.36 21.84
CA PRO B 183 -2.05 -22.81 23.08
C PRO B 183 -2.95 -23.69 23.95
N SER B 184 -4.27 -23.60 23.80
CA SER B 184 -5.21 -24.43 24.53
C SER B 184 -5.47 -25.76 23.84
N GLY B 185 -4.84 -26.02 22.70
CA GLY B 185 -4.94 -27.30 22.04
C GLY B 185 -5.98 -27.43 20.95
N THR B 186 -6.52 -26.33 20.45
CA THR B 186 -7.49 -26.40 19.36
C THR B 186 -6.77 -26.25 18.02
N LEU B 187 -7.15 -27.09 17.06
CA LEU B 187 -6.58 -27.02 15.72
C LEU B 187 -7.11 -25.76 15.02
N ILE B 188 -6.22 -24.83 14.69
CA ILE B 188 -6.63 -23.52 14.19
C ILE B 188 -6.06 -23.19 12.82
N ASN B 189 -5.09 -23.93 12.31
CA ASN B 189 -4.51 -23.57 11.02
C ASN B 189 -3.86 -24.79 10.39
N CYS B 190 -3.76 -24.74 9.07
CA CYS B 190 -3.09 -25.76 8.27
C CYS B 190 -2.19 -25.04 7.27
N VAL B 191 -0.88 -25.10 7.48
CA VAL B 191 0.07 -24.28 6.74
C VAL B 191 0.69 -25.10 5.61
N ASN B 192 0.62 -24.57 4.40
CA ASN B 192 1.19 -25.22 3.23
C ASN B 192 2.71 -25.34 3.37
N PRO B 193 3.29 -26.54 3.29
CA PRO B 193 4.75 -26.67 3.37
C PRO B 193 5.48 -26.31 2.09
N ASN B 194 4.79 -26.10 0.97
CA ASN B 194 5.44 -25.57 -0.23
C ASN B 194 4.35 -24.90 -1.08
N ARG B 195 4.31 -23.57 -1.05
CA ARG B 195 3.30 -22.81 -1.77
C ARG B 195 3.39 -22.99 -3.28
N ASP B 196 4.55 -23.40 -3.80
CA ASP B 196 4.80 -23.34 -5.24
C ASP B 196 4.92 -24.73 -5.88
N ALA B 197 4.47 -25.78 -5.19
CA ALA B 197 4.54 -27.13 -5.75
C ALA B 197 3.45 -27.97 -5.13
N PRO B 198 2.89 -28.92 -5.89
CA PRO B 198 1.88 -29.82 -5.30
C PRO B 198 2.46 -30.60 -4.13
N THR B 199 1.62 -30.77 -3.11
CA THR B 199 1.98 -31.51 -1.90
C THR B 199 0.79 -32.35 -1.47
N SER B 200 0.99 -33.16 -0.44
CA SER B 200 -0.17 -33.83 0.16
C SER B 200 -1.12 -32.80 0.75
N TYR B 201 -0.60 -31.64 1.17
CA TYR B 201 -1.46 -30.54 1.60
C TYR B 201 -2.38 -30.10 0.46
N SER B 202 -1.80 -29.72 -0.68
CA SER B 202 -2.62 -29.22 -1.78
C SER B 202 -3.54 -30.31 -2.33
N ASP B 203 -3.11 -31.57 -2.28
CA ASP B 203 -3.99 -32.67 -2.68
C ASP B 203 -5.23 -32.72 -1.80
N ALA B 204 -5.02 -32.64 -0.48
CA ALA B 204 -6.15 -32.70 0.44
C ALA B 204 -7.10 -31.53 0.24
N ILE B 205 -6.57 -30.32 0.08
CA ILE B 205 -7.44 -29.17 -0.16
C ILE B 205 -8.17 -29.33 -1.49
N LYS B 206 -7.43 -29.61 -2.56
CA LYS B 206 -8.02 -29.66 -3.89
C LYS B 206 -9.02 -30.80 -4.02
N SER B 207 -8.81 -31.91 -3.32
CA SER B 207 -9.75 -33.02 -3.43
C SER B 207 -11.09 -32.69 -2.80
N HIS B 208 -11.12 -31.83 -1.79
CA HIS B 208 -12.37 -31.45 -1.14
C HIS B 208 -12.94 -30.13 -1.65
N CYS B 209 -12.11 -29.17 -2.04
CA CYS B 209 -12.57 -27.92 -2.63
C CYS B 209 -11.72 -27.58 -3.84
N PRO B 210 -12.16 -27.94 -5.05
CA PRO B 210 -11.42 -27.56 -6.26
C PRO B 210 -11.61 -26.11 -6.65
N LYS B 211 -12.50 -25.37 -5.97
CA LYS B 211 -12.83 -24.00 -6.35
C LYS B 211 -11.94 -22.97 -5.65
N ALA B 212 -10.69 -23.32 -5.37
CA ALA B 212 -9.75 -22.42 -4.70
C ALA B 212 -8.34 -22.84 -5.07
N TYR B 213 -7.41 -21.88 -4.97
CA TYR B 213 -6.00 -22.20 -5.13
C TYR B 213 -5.52 -22.97 -3.91
N ALA B 214 -4.95 -24.16 -4.14
CA ALA B 214 -4.23 -24.87 -3.08
C ALA B 214 -2.72 -24.72 -3.22
N TRP B 215 -2.23 -24.35 -4.40
CA TRP B 215 -0.83 -24.01 -4.60
C TRP B 215 -0.76 -22.99 -5.73
N SER B 216 0.38 -22.32 -5.84
CA SER B 216 0.43 -21.03 -6.55
C SER B 216 0.13 -21.15 -8.04
N LYS B 217 0.38 -22.31 -8.65
CA LYS B 217 0.20 -22.41 -10.09
C LYS B 217 -0.90 -23.42 -10.43
N GLN B 218 -1.83 -23.63 -9.50
CA GLN B 218 -2.95 -24.52 -9.77
C GLN B 218 -3.77 -24.07 -10.97
N ASP B 219 -3.73 -22.77 -11.31
CA ASP B 219 -4.50 -22.27 -12.44
C ASP B 219 -3.93 -22.66 -13.79
N THR B 220 -2.86 -23.46 -13.83
CA THR B 220 -2.39 -24.05 -15.07
C THR B 220 -2.84 -25.49 -15.25
N GLU B 221 -3.47 -26.09 -14.24
CA GLU B 221 -3.89 -27.47 -14.32
C GLU B 221 -5.11 -27.58 -15.24
N PRO B 222 -5.14 -28.54 -16.15
CA PRO B 222 -6.35 -28.75 -16.97
C PRO B 222 -7.58 -28.94 -16.10
N GLY B 223 -8.62 -28.17 -16.40
CA GLY B 223 -9.89 -28.32 -15.72
C GLY B 223 -9.98 -27.73 -14.33
N ASN B 224 -9.06 -26.85 -13.96
CA ASN B 224 -9.09 -26.26 -12.63
C ASN B 224 -10.19 -25.22 -12.53
N GLN B 225 -10.66 -24.98 -11.30
CA GLN B 225 -11.73 -24.02 -11.06
C GLN B 225 -11.27 -22.95 -10.06
N THR B 226 -10.07 -22.40 -10.25
CA THR B 226 -9.47 -21.50 -9.27
C THR B 226 -9.86 -20.04 -9.46
N MET B 227 -10.07 -19.58 -10.69
CA MET B 227 -10.22 -18.15 -10.94
C MET B 227 -11.62 -17.83 -11.47
N TYR B 228 -12.16 -16.70 -11.00
CA TYR B 228 -13.50 -16.26 -11.36
C TYR B 228 -13.46 -14.78 -11.72
N GLN B 229 -14.47 -14.36 -12.48
CA GLN B 229 -14.65 -12.95 -12.77
C GLN B 229 -16.13 -12.68 -13.00
N CYS B 230 -16.54 -11.45 -12.75
CA CYS B 230 -17.94 -11.06 -12.88
C CYS B 230 -17.98 -9.61 -13.36
N ALA B 231 -18.22 -9.41 -14.66
CA ALA B 231 -18.09 -8.09 -15.24
C ALA B 231 -19.23 -7.16 -14.87
N SER B 232 -20.35 -7.68 -14.35
CA SER B 232 -21.50 -6.84 -14.04
C SER B 232 -22.08 -7.26 -12.69
N CYS B 233 -21.56 -6.66 -11.62
CA CYS B 233 -22.10 -6.85 -10.28
C CYS B 233 -21.83 -5.59 -9.49
N THR B 234 -22.52 -5.44 -8.37
CA THR B 234 -22.32 -4.26 -7.54
C THR B 234 -21.29 -4.49 -6.44
N GLY B 235 -20.94 -5.74 -6.17
CA GLY B 235 -19.99 -6.03 -5.11
C GLY B 235 -19.93 -7.52 -4.83
N PHE B 236 -19.39 -7.86 -3.68
CA PHE B 236 -19.19 -9.26 -3.31
C PHE B 236 -19.53 -9.47 -1.83
N THR B 237 -19.90 -10.71 -1.52
CA THR B 237 -20.08 -11.18 -0.15
C THR B 237 -18.98 -12.20 0.12
N ILE B 238 -18.09 -11.87 1.04
CA ILE B 238 -17.07 -12.80 1.53
C ILE B 238 -17.57 -13.38 2.84
N THR B 239 -17.84 -14.68 2.86
CA THR B 239 -18.25 -15.38 4.07
C THR B 239 -17.11 -16.22 4.60
N PHE B 240 -16.76 -16.00 5.86
CA PHE B 240 -15.79 -16.84 6.58
C PHE B 240 -16.59 -17.87 7.36
N HIS B 241 -16.44 -19.14 6.99
CA HIS B 241 -17.29 -20.19 7.52
C HIS B 241 -16.64 -20.84 8.74
N ARG B 242 -17.38 -21.76 9.36
CA ARG B 242 -16.94 -22.32 10.62
C ARG B 242 -15.82 -23.34 10.42
N ALA B 243 -14.82 -23.28 11.29
CA ALA B 243 -13.77 -24.30 11.31
C ALA B 243 -13.81 -25.04 12.65
#